data_3VHU
#
_entry.id   3VHU
#
_cell.length_a   91.526
_cell.length_b   171.509
_cell.length_c   42.358
_cell.angle_alpha   90.00
_cell.angle_beta   90.00
_cell.angle_gamma   90.00
#
_symmetry.space_group_name_H-M   'C 2 2 21'
#
loop_
_entity.id
_entity.type
_entity.pdbx_description
1 polymer 'Mineralocorticoid receptor'
2 non-polymer SPIRONOLACTONE
3 water water
#
_entity_poly.entity_id   1
_entity_poly.type   'polypeptide(L)'
_entity_poly.pdbx_seq_one_letter_code
;MGSDKIIHHHHHHENLYFQGSAPAKEPSVNTALVPQLSTISRALTPSPVMVLENIEPEIVYAGYDSSKPDTAENLLSTLN
RLAGKQMIQVVKWAKVLPGFKNLPLEDQITLIQYSWMSLLSFALSWRSYKHTNSQFLYFAPDLVFNEEKMHQSAMYELCQ
GMHQISLQFVRLQLTFEEYTIMKVLLLLSTIPKDGLKSQAAFEEMRTNYIKELRKMVTKCPNNSGQSWQRFYQLTKLLDS
MHDLVSDLLEFCFYTFRESHALKVEFPAMLVEIISDQLPKVESGNAKPLYFHRK
;
_entity_poly.pdbx_strand_id   A
#
loop_
_chem_comp.id
_chem_comp.type
_chem_comp.name
_chem_comp.formula
SNL non-polymer SPIRONOLACTONE 'C24 H32 O4 S'
#
# COMPACT_ATOMS: atom_id res chain seq x y z
N SER A 38 19.45 -30.88 -8.86
CA SER A 38 18.14 -30.20 -9.04
C SER A 38 17.21 -30.43 -7.85
N THR A 39 17.23 -31.65 -7.30
CA THR A 39 16.44 -31.98 -6.11
C THR A 39 16.86 -31.13 -4.91
N ILE A 40 18.17 -30.96 -4.74
CA ILE A 40 18.72 -30.05 -3.73
C ILE A 40 18.31 -28.62 -4.06
N SER A 41 18.50 -28.25 -5.34
CA SER A 41 18.18 -26.91 -5.83
C SER A 41 16.72 -26.55 -5.54
N ARG A 42 15.80 -27.45 -5.91
CA ARG A 42 14.36 -27.22 -5.71
C ARG A 42 14.01 -27.12 -4.24
N ALA A 43 14.57 -28.01 -3.42
CA ALA A 43 14.29 -28.05 -1.99
C ALA A 43 14.81 -26.82 -1.22
N LEU A 44 15.95 -26.30 -1.62
CA LEU A 44 16.52 -25.12 -0.93
C LEU A 44 15.99 -23.77 -1.40
N THR A 45 15.41 -23.75 -2.61
CA THR A 45 14.82 -22.53 -3.15
C THR A 45 13.83 -21.96 -2.15
N PRO A 46 14.04 -20.69 -1.72
CA PRO A 46 13.12 -20.06 -0.78
C PRO A 46 11.69 -19.98 -1.33
N SER A 47 10.72 -20.31 -0.48
CA SER A 47 9.30 -20.13 -0.78
C SER A 47 9.04 -18.66 -1.13
N PRO A 48 8.02 -18.38 -1.97
CA PRO A 48 7.61 -16.99 -2.23
C PRO A 48 7.49 -16.12 -0.98
N VAL A 49 6.95 -16.67 0.10
CA VAL A 49 6.83 -15.95 1.38
C VAL A 49 8.18 -15.61 2.01
N MET A 50 9.14 -16.53 1.93
CA MET A 50 10.50 -16.29 2.38
C MET A 50 11.13 -15.15 1.58
N VAL A 51 10.93 -15.14 0.27
CA VAL A 51 11.45 -14.04 -0.55
C VAL A 51 10.83 -12.71 -0.09
N LEU A 52 9.51 -12.69 0.07
CA LEU A 52 8.80 -11.49 0.53
C LEU A 52 9.41 -10.90 1.82
N GLU A 53 9.78 -11.77 2.77
CA GLU A 53 10.47 -11.30 3.97
C GLU A 53 11.84 -10.67 3.63
N ASN A 54 12.60 -11.34 2.76
CA ASN A 54 13.95 -10.91 2.44
C ASN A 54 14.03 -9.58 1.69
N ILE A 55 13.00 -9.31 0.90
CA ILE A 55 12.96 -8.09 0.09
C ILE A 55 12.20 -6.91 0.73
N GLU A 56 11.49 -7.17 1.84
CA GLU A 56 10.76 -6.09 2.52
C GLU A 56 11.69 -4.91 2.79
N PRO A 57 11.31 -3.72 2.30
CA PRO A 57 12.17 -2.53 2.47
C PRO A 57 12.40 -2.18 3.94
N GLU A 58 13.55 -1.58 4.23
CA GLU A 58 13.84 -1.00 5.54
C GLU A 58 12.87 0.15 5.79
N ILE A 59 12.48 0.34 7.04
CA ILE A 59 11.58 1.45 7.41
C ILE A 59 12.31 2.77 7.16
N VAL A 60 11.58 3.68 6.53
CA VAL A 60 12.11 4.94 6.03
C VAL A 60 11.74 6.12 6.94
N TYR A 61 12.67 7.08 7.05
CA TYR A 61 12.48 8.29 7.85
C TYR A 61 11.80 9.40 7.07
N ALA A 62 10.94 10.16 7.74
CA ALA A 62 10.20 11.24 7.09
C ALA A 62 11.04 12.50 6.85
N GLY A 63 12.10 12.68 7.64
CA GLY A 63 12.77 13.97 7.73
C GLY A 63 11.77 15.03 8.22
N TYR A 64 10.96 14.65 9.22
CA TYR A 64 10.02 15.56 9.84
C TYR A 64 10.76 16.64 10.62
N ASP A 65 10.46 17.90 10.29
CA ASP A 65 11.15 19.04 10.91
C ASP A 65 10.31 19.51 12.10
N SER A 66 10.64 18.99 13.29
CA SER A 66 9.85 19.28 14.49
C SER A 66 9.94 20.75 14.94
N SER A 67 10.72 21.56 14.23
CA SER A 67 10.83 22.99 14.55
C SER A 67 9.75 23.82 13.84
N LYS A 68 9.21 23.30 12.74
CA LYS A 68 8.10 23.96 12.03
C LYS A 68 6.79 23.63 12.74
N PRO A 69 5.82 24.58 12.73
CA PRO A 69 4.60 24.26 13.46
C PRO A 69 3.77 23.24 12.71
N ASP A 70 2.98 22.45 13.44
CA ASP A 70 2.16 21.42 12.81
C ASP A 70 0.89 21.99 12.20
N THR A 71 1.06 22.82 11.18
CA THR A 71 -0.06 23.30 10.37
C THR A 71 -0.43 22.20 9.37
N ALA A 72 -1.66 22.24 8.87
CA ALA A 72 -2.09 21.25 7.87
C ALA A 72 -1.12 21.25 6.69
N GLU A 73 -0.78 22.44 6.21
CA GLU A 73 0.16 22.63 5.10
C GLU A 73 1.52 21.94 5.32
N ASN A 74 2.09 22.13 6.51
CA ASN A 74 3.38 21.53 6.84
C ASN A 74 3.29 20.01 6.93
N LEU A 75 2.28 19.51 7.64
CA LEU A 75 2.07 18.07 7.80
C LEU A 75 1.83 17.38 6.47
N LEU A 76 0.98 17.96 5.63
CA LEU A 76 0.67 17.30 4.36
C LEU A 76 1.89 17.32 3.45
N SER A 77 2.66 18.41 3.49
CA SER A 77 3.89 18.49 2.69
C SER A 77 4.91 17.47 3.17
N THR A 78 5.01 17.31 4.49
CA THR A 78 5.84 16.26 5.08
C THR A 78 5.35 14.87 4.66
N LEU A 79 4.03 14.61 4.74
CA LEU A 79 3.56 13.28 4.31
C LEU A 79 3.91 13.02 2.85
N ASN A 80 3.72 14.02 1.98
CA ASN A 80 4.06 13.88 0.57
C ASN A 80 5.55 13.62 0.32
N ARG A 81 6.41 14.28 1.09
CA ARG A 81 7.85 14.02 0.99
C ARG A 81 8.19 12.61 1.45
N LEU A 82 7.59 12.18 2.55
CA LEU A 82 7.75 10.81 3.02
C LEU A 82 7.25 9.80 1.97
N ALA A 83 6.09 10.08 1.38
CA ALA A 83 5.55 9.26 0.29
C ALA A 83 6.57 9.12 -0.85
N GLY A 84 7.28 10.21 -1.17
CA GLY A 84 8.29 10.16 -2.21
C GLY A 84 9.39 9.16 -1.88
N LYS A 85 9.90 9.25 -0.64
CA LYS A 85 10.97 8.34 -0.18
C LYS A 85 10.45 6.91 -0.09
N GLN A 86 9.22 6.73 0.34
CA GLN A 86 8.67 5.38 0.36
C GLN A 86 8.50 4.79 -1.03
N MET A 87 8.14 5.63 -2.00
CA MET A 87 7.95 5.17 -3.38
C MET A 87 9.24 4.71 -4.04
N ILE A 88 10.36 5.34 -3.67
CA ILE A 88 11.68 4.85 -4.05
C ILE A 88 11.80 3.38 -3.61
N GLN A 89 11.51 3.11 -2.34
CA GLN A 89 11.56 1.75 -1.81
C GLN A 89 10.58 0.77 -2.51
N VAL A 90 9.36 1.25 -2.79
CA VAL A 90 8.39 0.41 -3.50
C VAL A 90 8.95 -0.09 -4.83
N VAL A 91 9.62 0.80 -5.56
CA VAL A 91 10.12 0.48 -6.89
C VAL A 91 11.20 -0.60 -6.76
N LYS A 92 12.13 -0.39 -5.82
CA LYS A 92 13.20 -1.37 -5.52
C LYS A 92 12.64 -2.75 -5.14
N TRP A 93 11.59 -2.75 -4.33
CA TRP A 93 10.94 -3.99 -3.89
C TRP A 93 10.23 -4.66 -5.08
N ALA A 94 9.64 -3.85 -5.96
CA ALA A 94 8.97 -4.36 -7.15
C ALA A 94 9.94 -4.99 -8.15
N LYS A 95 11.14 -4.42 -8.25
CA LYS A 95 12.23 -4.94 -9.08
C LYS A 95 12.51 -6.43 -8.79
N VAL A 96 12.42 -6.81 -7.51
CA VAL A 96 12.84 -8.14 -7.04
C VAL A 96 11.66 -9.00 -6.52
N LEU A 97 10.45 -8.61 -6.88
CA LEU A 97 9.23 -9.31 -6.44
C LEU A 97 8.94 -10.51 -7.34
N PRO A 98 8.88 -11.73 -6.77
CA PRO A 98 8.68 -12.92 -7.61
C PRO A 98 7.38 -12.87 -8.38
N GLY A 99 7.44 -13.32 -9.62
CA GLY A 99 6.33 -13.20 -10.56
C GLY A 99 6.19 -11.84 -11.23
N PHE A 100 6.64 -10.77 -10.57
CA PHE A 100 6.39 -9.41 -11.06
C PHE A 100 7.26 -8.99 -12.25
N LYS A 101 8.36 -9.70 -12.50
CA LYS A 101 9.19 -9.42 -13.69
C LYS A 101 8.85 -10.30 -14.87
N ASN A 102 8.04 -11.33 -14.63
CA ASN A 102 7.36 -12.06 -15.71
C ASN A 102 6.36 -11.13 -16.44
N LEU A 103 6.17 -9.93 -15.89
CA LEU A 103 5.28 -8.91 -16.47
C LEU A 103 6.02 -7.85 -17.29
N PRO A 104 5.44 -7.47 -18.45
CA PRO A 104 5.96 -6.38 -19.29
C PRO A 104 6.10 -5.07 -18.52
N LEU A 105 7.11 -4.29 -18.90
CA LEU A 105 7.41 -3.00 -18.25
C LEU A 105 6.20 -2.07 -18.16
N GLU A 106 5.35 -2.06 -19.18
CA GLU A 106 4.14 -1.21 -19.13
C GLU A 106 3.13 -1.67 -18.06
N ASP A 107 3.04 -2.98 -17.83
CA ASP A 107 2.14 -3.57 -16.83
C ASP A 107 2.66 -3.34 -15.42
N GLN A 108 3.97 -3.47 -15.24
CA GLN A 108 4.61 -3.18 -13.97
C GLN A 108 4.35 -1.73 -13.58
N ILE A 109 4.58 -0.80 -14.53
CA ILE A 109 4.37 0.64 -14.29
C ILE A 109 2.91 0.92 -13.99
N THR A 110 2.01 0.33 -14.77
CA THR A 110 0.57 0.47 -14.55
C THR A 110 0.15 0.06 -13.14
N LEU A 111 0.53 -1.15 -12.74
CA LEU A 111 0.07 -1.68 -11.46
C LEU A 111 0.57 -0.83 -10.29
N ILE A 112 1.82 -0.36 -10.38
CA ILE A 112 2.37 0.51 -9.36
C ILE A 112 1.64 1.85 -9.30
N GLN A 113 1.36 2.43 -10.47
CA GLN A 113 0.64 3.69 -10.51
C GLN A 113 -0.74 3.53 -9.92
N TYR A 114 -1.39 2.40 -10.19
CA TYR A 114 -2.73 2.17 -9.67
C TYR A 114 -2.76 1.89 -8.17
N SER A 115 -1.75 1.19 -7.66
CA SER A 115 -1.85 0.64 -6.32
C SER A 115 -0.96 1.27 -5.29
N TRP A 116 -0.14 2.25 -5.67
CA TRP A 116 0.85 2.78 -4.74
C TRP A 116 0.20 3.24 -3.44
N MET A 117 -1.00 3.84 -3.53
CA MET A 117 -1.68 4.35 -2.35
C MET A 117 -2.09 3.21 -1.42
N SER A 118 -2.60 2.11 -2.00
CA SER A 118 -2.95 0.89 -1.22
C SER A 118 -1.75 0.31 -0.52
N LEU A 119 -0.64 0.17 -1.24
CA LEU A 119 0.59 -0.35 -0.68
C LEU A 119 1.04 0.50 0.51
N LEU A 120 1.09 1.81 0.33
CA LEU A 120 1.65 2.67 1.37
C LEU A 120 0.72 2.85 2.57
N SER A 121 -0.59 2.82 2.33
CA SER A 121 -1.49 2.97 3.44
C SER A 121 -1.57 1.69 4.23
N PHE A 122 -1.56 0.56 3.54
CA PHE A 122 -1.51 -0.76 4.18
C PHE A 122 -0.24 -0.90 5.01
N ALA A 123 0.90 -0.46 4.48
CA ALA A 123 2.15 -0.54 5.22
C ALA A 123 2.12 0.35 6.45
N LEU A 124 1.45 1.50 6.33
CA LEU A 124 1.19 2.38 7.47
C LEU A 124 0.41 1.65 8.57
N SER A 125 -0.67 0.98 8.18
CA SER A 125 -1.47 0.26 9.17
C SER A 125 -0.61 -0.80 9.85
N TRP A 126 0.31 -1.41 9.09
CA TRP A 126 1.15 -2.48 9.62
C TRP A 126 2.18 -1.93 10.60
N ARG A 127 2.83 -0.83 10.23
CA ARG A 127 3.83 -0.27 11.14
C ARG A 127 3.19 0.25 12.42
N SER A 128 1.99 0.83 12.28
CA SER A 128 1.21 1.28 13.43
C SER A 128 0.89 0.12 14.38
N TYR A 129 0.52 -1.01 13.80
CA TYR A 129 0.17 -2.21 14.53
C TYR A 129 1.39 -2.84 15.22
N LYS A 130 2.48 -2.95 14.46
CA LYS A 130 3.67 -3.62 14.95
C LYS A 130 4.45 -2.75 15.93
N HIS A 131 4.55 -1.45 15.65
CA HIS A 131 5.44 -0.60 16.47
C HIS A 131 4.78 0.16 17.62
N THR A 132 3.46 0.28 17.60
CA THR A 132 2.79 1.03 18.66
C THR A 132 1.58 0.28 19.17
N ASN A 133 1.40 -0.95 18.69
CA ASN A 133 0.26 -1.77 19.09
C ASN A 133 -1.02 -1.05 18.72
N SER A 134 -1.02 -0.45 17.53
CA SER A 134 -2.17 0.30 16.97
C SER A 134 -2.67 1.44 17.85
N GLN A 135 -1.78 1.97 18.69
CA GLN A 135 -2.08 3.13 19.51
C GLN A 135 -1.97 4.42 18.69
N PHE A 136 -1.08 4.38 17.70
CA PHE A 136 -0.76 5.57 16.95
C PHE A 136 -0.64 5.21 15.47
N LEU A 137 -0.58 6.23 14.63
CA LEU A 137 -0.29 6.04 13.22
C LEU A 137 1.19 6.25 13.05
N TYR A 138 1.87 5.18 12.71
CA TYR A 138 3.31 5.19 12.68
C TYR A 138 3.77 5.43 11.23
N PHE A 139 3.78 6.69 10.80
CA PHE A 139 4.16 7.04 9.42
C PHE A 139 5.65 6.75 9.19
N ALA A 140 6.46 7.14 10.17
CA ALA A 140 7.91 6.99 10.12
C ALA A 140 8.39 6.99 11.59
N PRO A 141 9.63 6.54 11.86
CA PRO A 141 10.02 6.62 13.27
C PRO A 141 10.05 8.04 13.82
N ASP A 142 10.23 9.03 12.94
CA ASP A 142 10.29 10.44 13.36
C ASP A 142 8.95 11.13 13.13
N LEU A 143 7.94 10.36 12.73
CA LEU A 143 6.63 10.92 12.45
C LEU A 143 5.51 9.98 12.85
N VAL A 144 5.09 10.10 14.10
CA VAL A 144 4.09 9.23 14.67
C VAL A 144 2.88 10.11 15.00
N PHE A 145 1.70 9.78 14.49
CA PHE A 145 0.54 10.63 14.73
C PHE A 145 -0.26 10.13 15.91
N ASN A 146 -0.54 11.02 16.85
CA ASN A 146 -1.60 10.84 17.85
C ASN A 146 -2.86 11.57 17.33
N GLU A 147 -3.91 11.61 18.14
CA GLU A 147 -5.15 12.28 17.76
C GLU A 147 -4.89 13.73 17.34
N GLU A 148 -4.10 14.45 18.12
CA GLU A 148 -3.81 15.85 17.83
C GLU A 148 -3.27 16.07 16.41
N LYS A 149 -2.30 15.25 15.98
CA LYS A 149 -1.75 15.34 14.64
C LYS A 149 -2.76 14.96 13.58
N MET A 150 -3.61 13.98 13.90
CA MET A 150 -4.65 13.56 12.96
C MET A 150 -5.59 14.73 12.67
N HIS A 151 -5.97 15.48 13.71
CA HIS A 151 -6.78 16.70 13.50
C HIS A 151 -5.99 17.74 12.70
N GLN A 152 -4.74 17.96 13.11
CA GLN A 152 -3.90 18.98 12.48
C GLN A 152 -3.61 18.77 10.99
N SER A 153 -3.56 17.51 10.57
CA SER A 153 -3.28 17.16 9.20
C SER A 153 -4.40 17.57 8.24
N ALA A 154 -5.55 17.95 8.79
CA ALA A 154 -6.79 18.22 8.03
C ALA A 154 -7.29 17.01 7.21
N MET A 155 -6.82 15.83 7.54
CA MET A 155 -7.49 14.63 6.99
C MET A 155 -7.80 13.66 8.10
N TYR A 156 -8.51 14.15 9.11
CA TYR A 156 -8.73 13.42 10.33
C TYR A 156 -9.43 12.08 10.04
N GLU A 157 -10.48 12.13 9.22
CA GLU A 157 -11.31 10.95 8.99
C GLU A 157 -10.59 9.91 8.17
N LEU A 158 -9.68 10.35 7.32
CA LEU A 158 -8.86 9.43 6.55
C LEU A 158 -7.83 8.75 7.44
N CYS A 159 -7.20 9.52 8.32
CA CYS A 159 -6.35 8.95 9.35
C CYS A 159 -7.11 7.90 10.19
N GLN A 160 -8.33 8.22 10.60
CA GLN A 160 -9.17 7.29 11.37
C GLN A 160 -9.43 5.99 10.63
N GLY A 161 -9.75 6.10 9.34
CA GLY A 161 -9.94 4.95 8.47
C GLY A 161 -8.72 4.03 8.48
N MET A 162 -7.53 4.62 8.37
CA MET A 162 -6.29 3.80 8.40
C MET A 162 -5.96 3.24 9.79
N HIS A 163 -6.26 4.03 10.81
CA HIS A 163 -6.13 3.54 12.17
C HIS A 163 -7.06 2.35 12.45
N GLN A 164 -8.30 2.43 11.95
CA GLN A 164 -9.26 1.34 12.05
C GLN A 164 -8.69 0.05 11.43
N ILE A 165 -8.00 0.18 10.29
CA ILE A 165 -7.36 -0.99 9.70
C ILE A 165 -6.34 -1.61 10.67
N SER A 166 -5.52 -0.76 11.31
CA SER A 166 -4.55 -1.21 12.32
C SER A 166 -5.22 -1.89 13.50
N LEU A 167 -6.37 -1.37 13.91
CA LEU A 167 -7.12 -1.97 15.02
C LEU A 167 -7.66 -3.34 14.61
N GLN A 168 -7.98 -3.51 13.33
CA GLN A 168 -8.34 -4.83 12.82
C GLN A 168 -7.15 -5.78 12.84
N PHE A 169 -5.95 -5.25 12.56
CA PHE A 169 -4.74 -6.07 12.64
C PHE A 169 -4.63 -6.67 14.05
N VAL A 170 -5.04 -5.89 15.06
CA VAL A 170 -5.00 -6.35 16.47
C VAL A 170 -6.08 -7.40 16.74
N ARG A 171 -7.31 -7.14 16.31
CA ARG A 171 -8.38 -8.13 16.39
C ARG A 171 -7.96 -9.47 15.77
N LEU A 172 -7.38 -9.40 14.56
CA LEU A 172 -6.97 -10.59 13.81
C LEU A 172 -5.65 -11.18 14.27
N GLN A 173 -4.84 -10.38 14.96
CA GLN A 173 -3.44 -10.72 15.25
C GLN A 173 -2.75 -11.07 13.92
N LEU A 174 -2.81 -10.13 12.99
CA LEU A 174 -2.25 -10.38 11.67
C LEU A 174 -0.76 -10.74 11.79
N THR A 175 -0.29 -11.68 10.96
CA THR A 175 1.11 -12.06 10.98
C THR A 175 1.86 -11.33 9.88
N PHE A 176 3.17 -11.19 10.06
CA PHE A 176 4.04 -10.64 9.04
C PHE A 176 3.87 -11.39 7.73
N GLU A 177 3.77 -12.71 7.80
CA GLU A 177 3.61 -13.54 6.60
C GLU A 177 2.31 -13.21 5.86
N GLU A 178 1.20 -13.12 6.60
CA GLU A 178 -0.08 -12.73 6.00
C GLU A 178 0.02 -11.30 5.45
N TYR A 179 0.70 -10.44 6.20
CA TYR A 179 0.88 -9.06 5.80
C TYR A 179 1.60 -8.93 4.46
N THR A 180 2.76 -9.59 4.31
CA THR A 180 3.56 -9.47 3.08
C THR A 180 2.82 -9.98 1.84
N ILE A 181 2.04 -11.04 2.01
CA ILE A 181 1.28 -11.61 0.89
C ILE A 181 0.14 -10.66 0.51
N MET A 182 -0.56 -10.17 1.54
CA MET A 182 -1.66 -9.25 1.34
C MET A 182 -1.21 -8.01 0.61
N LYS A 183 0.01 -7.55 0.92
CA LYS A 183 0.58 -6.37 0.30
C LYS A 183 0.82 -6.58 -1.21
N VAL A 184 1.33 -7.75 -1.57
CA VAL A 184 1.41 -8.12 -2.97
C VAL A 184 0.04 -8.19 -3.61
N LEU A 185 -0.95 -8.72 -2.88
CA LEU A 185 -2.31 -8.79 -3.44
C LEU A 185 -2.90 -7.39 -3.71
N LEU A 186 -2.49 -6.41 -2.89
CA LEU A 186 -2.88 -5.03 -3.11
C LEU A 186 -2.23 -4.46 -4.36
N LEU A 187 -0.99 -4.88 -4.62
CA LEU A 187 -0.28 -4.44 -5.82
C LEU A 187 -1.01 -4.92 -7.07
N LEU A 188 -1.70 -6.05 -6.93
CA LEU A 188 -2.41 -6.69 -8.02
C LEU A 188 -3.91 -6.51 -7.91
N SER A 189 -4.36 -5.46 -7.21
CA SER A 189 -5.78 -5.29 -6.94
C SER A 189 -6.53 -4.33 -7.88
N THR A 190 -5.78 -3.60 -8.71
CA THR A 190 -6.39 -2.73 -9.74
C THR A 190 -5.70 -2.85 -11.10
N ILE A 191 -6.52 -3.05 -12.13
CA ILE A 191 -6.02 -3.18 -13.50
C ILE A 191 -6.73 -2.22 -14.47
N PRO A 192 -6.19 -1.98 -15.67
CA PRO A 192 -6.89 -1.19 -16.69
C PRO A 192 -8.22 -1.86 -17.04
N LYS A 193 -9.28 -1.06 -17.23
CA LYS A 193 -10.64 -1.61 -17.44
C LYS A 193 -10.74 -2.67 -18.53
N ASP A 194 -9.81 -2.66 -19.48
CA ASP A 194 -9.81 -3.62 -20.57
C ASP A 194 -8.61 -4.57 -20.52
N GLY A 195 -7.89 -4.53 -19.39
CA GLY A 195 -6.85 -5.50 -19.08
C GLY A 195 -5.43 -5.04 -19.28
N LEU A 196 -4.50 -5.84 -18.79
CA LEU A 196 -3.07 -5.58 -18.92
C LEU A 196 -2.54 -6.15 -20.23
N LYS A 197 -1.33 -5.70 -20.61
CA LYS A 197 -0.65 -6.18 -21.82
C LYS A 197 -0.38 -7.69 -21.75
N SER A 198 -0.07 -8.20 -20.55
CA SER A 198 0.04 -9.64 -20.33
C SER A 198 -0.95 -10.11 -19.28
N GLN A 199 -2.22 -10.18 -19.67
CA GLN A 199 -3.31 -10.51 -18.75
C GLN A 199 -3.19 -11.92 -18.15
N ALA A 200 -2.80 -12.89 -18.98
CA ALA A 200 -2.62 -14.27 -18.54
C ALA A 200 -1.55 -14.44 -17.45
N ALA A 201 -0.41 -13.77 -17.61
CA ALA A 201 0.67 -13.85 -16.63
C ALA A 201 0.28 -13.17 -15.32
N PHE A 202 -0.41 -12.03 -15.42
CA PHE A 202 -0.93 -11.34 -14.25
C PHE A 202 -1.89 -12.23 -13.47
N GLU A 203 -2.81 -12.85 -14.20
CA GLU A 203 -3.83 -13.74 -13.65
C GLU A 203 -3.16 -14.90 -12.92
N GLU A 204 -2.14 -15.47 -13.56
CA GLU A 204 -1.34 -16.55 -12.99
C GLU A 204 -0.66 -16.10 -11.71
N MET A 205 0.01 -14.95 -11.76
CA MET A 205 0.75 -14.41 -10.62
C MET A 205 -0.20 -14.08 -9.47
N ARG A 206 -1.35 -13.49 -9.78
CA ARG A 206 -2.33 -13.17 -8.76
C ARG A 206 -2.88 -14.42 -8.04
N THR A 207 -3.24 -15.43 -8.83
CA THR A 207 -3.71 -16.73 -8.31
C THR A 207 -2.68 -17.41 -7.42
N ASN A 208 -1.41 -17.29 -7.78
CA ASN A 208 -0.33 -17.88 -6.99
C ASN A 208 -0.20 -17.23 -5.62
N TYR A 209 -0.33 -15.91 -5.56
CA TYR A 209 -0.28 -15.23 -4.29
C TYR A 209 -1.54 -15.44 -3.45
N ILE A 210 -2.70 -15.49 -4.10
CA ILE A 210 -3.93 -15.89 -3.41
C ILE A 210 -3.76 -17.30 -2.81
N LYS A 211 -3.17 -18.20 -3.58
CA LYS A 211 -2.84 -19.55 -3.10
C LYS A 211 -1.90 -19.47 -1.90
N GLU A 212 -0.85 -18.65 -2.01
CA GLU A 212 0.09 -18.45 -0.92
C GLU A 212 -0.60 -17.99 0.35
N LEU A 213 -1.58 -17.09 0.20
CA LEU A 213 -2.32 -16.61 1.35
C LEU A 213 -3.10 -17.77 1.97
N ARG A 214 -3.83 -18.50 1.12
CA ARG A 214 -4.62 -19.64 1.54
C ARG A 214 -3.78 -20.67 2.33
N LYS A 215 -2.61 -21.03 1.77
CA LYS A 215 -1.67 -21.93 2.44
C LYS A 215 -1.20 -21.37 3.76
N MET A 216 -1.00 -20.06 3.81
CA MET A 216 -0.49 -19.39 5.00
C MET A 216 -1.49 -19.35 6.18
N VAL A 217 -2.79 -19.32 5.88
CA VAL A 217 -3.78 -19.25 6.97
C VAL A 217 -4.03 -20.59 7.65
N THR A 218 -3.58 -21.66 7.01
CA THR A 218 -3.59 -23.01 7.59
C THR A 218 -2.81 -23.11 8.92
N GLY A 225 -13.16 -25.19 8.64
CA GLY A 225 -13.41 -24.59 9.94
C GLY A 225 -12.75 -23.24 10.11
N GLN A 226 -11.73 -23.20 10.97
CA GLN A 226 -11.04 -21.98 11.36
C GLN A 226 -10.19 -21.37 10.22
N SER A 227 -9.72 -22.25 9.34
CA SER A 227 -8.88 -21.91 8.21
C SER A 227 -9.63 -21.00 7.22
N TRP A 228 -10.83 -21.43 6.84
CA TRP A 228 -11.69 -20.72 5.87
C TRP A 228 -12.11 -19.34 6.34
N GLN A 229 -12.44 -19.26 7.63
CA GLN A 229 -12.93 -18.04 8.25
C GLN A 229 -11.84 -16.97 8.27
N ARG A 230 -10.60 -17.37 8.60
CA ARG A 230 -9.50 -16.42 8.60
C ARG A 230 -9.25 -15.92 7.19
N PHE A 231 -9.20 -16.84 6.22
CA PHE A 231 -8.96 -16.46 4.83
C PHE A 231 -10.01 -15.44 4.36
N TYR A 232 -11.29 -15.70 4.67
CA TYR A 232 -12.33 -14.79 4.24
CA TYR A 232 -12.41 -14.81 4.32
C TYR A 232 -12.26 -13.45 4.95
N GLN A 233 -11.89 -13.44 6.23
CA GLN A 233 -11.68 -12.17 6.95
C GLN A 233 -10.57 -11.35 6.33
N LEU A 234 -9.50 -12.02 5.89
CA LEU A 234 -8.41 -11.34 5.18
C LEU A 234 -8.81 -10.83 3.80
N THR A 235 -9.58 -11.62 3.03
CA THR A 235 -10.03 -11.17 1.70
C THR A 235 -10.99 -9.98 1.84
N LYS A 236 -11.82 -10.02 2.89
CA LYS A 236 -12.73 -8.91 3.24
C LYS A 236 -12.00 -7.62 3.56
N LEU A 237 -10.95 -7.73 4.38
CA LEU A 237 -10.11 -6.59 4.70
C LEU A 237 -9.46 -6.01 3.43
N LEU A 238 -8.97 -6.88 2.55
CA LEU A 238 -8.41 -6.41 1.29
C LEU A 238 -9.40 -5.65 0.42
N ASP A 239 -10.59 -6.22 0.22
CA ASP A 239 -11.70 -5.55 -0.44
C ASP A 239 -11.99 -4.18 0.14
N SER A 240 -12.00 -4.12 1.47
CA SER A 240 -12.37 -2.90 2.15
C SER A 240 -11.33 -1.80 1.84
N MET A 241 -10.13 -2.20 1.39
CA MET A 241 -9.04 -1.22 1.09
C MET A 241 -9.35 -0.34 -0.13
N HIS A 242 -10.14 -0.85 -1.08
CA HIS A 242 -10.57 -0.08 -2.25
C HIS A 242 -11.32 1.19 -1.86
N ASP A 243 -12.27 1.08 -0.94
CA ASP A 243 -13.06 2.24 -0.51
C ASP A 243 -12.21 3.24 0.27
N LEU A 244 -11.36 2.75 1.18
CA LEU A 244 -10.44 3.61 1.90
C LEU A 244 -9.49 4.32 0.96
N VAL A 245 -8.93 3.55 0.03
CA VAL A 245 -7.98 4.08 -0.95
C VAL A 245 -8.62 5.05 -1.95
N SER A 246 -9.87 4.79 -2.37
CA SER A 246 -10.57 5.77 -3.21
C SER A 246 -10.69 7.12 -2.48
N ASP A 247 -11.01 7.09 -1.19
CA ASP A 247 -11.09 8.33 -0.40
C ASP A 247 -9.72 9.00 -0.22
N LEU A 248 -8.68 8.22 0.05
CA LEU A 248 -7.29 8.78 0.09
C LEU A 248 -6.88 9.42 -1.23
N LEU A 249 -7.17 8.74 -2.34
CA LEU A 249 -6.85 9.25 -3.68
C LEU A 249 -7.62 10.51 -4.00
N GLU A 250 -8.91 10.54 -3.64
CA GLU A 250 -9.75 11.70 -3.88
C GLU A 250 -9.15 12.95 -3.20
N PHE A 251 -8.71 12.79 -1.96
CA PHE A 251 -8.07 13.85 -1.21
C PHE A 251 -6.73 14.24 -1.84
N CYS A 252 -5.93 13.23 -2.17
CA CYS A 252 -4.64 13.42 -2.82
C CYS A 252 -4.77 14.17 -4.15
N PHE A 253 -5.73 13.73 -4.98
CA PHE A 253 -5.91 14.31 -6.31
C PHE A 253 -6.36 15.76 -6.21
N TYR A 254 -7.27 16.01 -5.28
CA TYR A 254 -7.73 17.33 -5.00
C TYR A 254 -6.56 18.22 -4.56
N THR A 255 -5.76 17.73 -3.63
CA THR A 255 -4.67 18.53 -3.04
C THR A 255 -3.61 18.81 -4.11
N PHE A 256 -3.41 17.82 -4.98
CA PHE A 256 -2.45 17.94 -6.05
C PHE A 256 -2.89 19.02 -7.02
N ARG A 257 -4.13 18.91 -7.50
CA ARG A 257 -4.59 19.90 -8.45
C ARG A 257 -4.68 21.31 -7.85
N GLU A 258 -4.82 21.42 -6.53
CA GLU A 258 -4.86 22.73 -5.90
C GLU A 258 -3.63 23.03 -5.07
N SER A 259 -2.49 22.40 -5.38
CA SER A 259 -1.37 22.45 -4.47
C SER A 259 -0.79 23.86 -4.31
N HIS A 260 -0.97 24.69 -5.33
CA HIS A 260 -0.44 26.04 -5.28
C HIS A 260 -1.25 26.91 -4.31
N ALA A 261 -2.58 26.88 -4.43
CA ALA A 261 -3.47 27.56 -3.47
C ALA A 261 -3.29 27.01 -2.04
N LEU A 262 -3.29 25.68 -1.94
CA LEU A 262 -3.18 25.00 -0.65
C LEU A 262 -1.78 25.12 -0.04
N LYS A 263 -0.77 25.35 -0.87
CA LYS A 263 0.65 25.46 -0.44
C LYS A 263 1.17 24.12 0.04
N VAL A 264 0.58 23.04 -0.50
CA VAL A 264 0.97 21.69 -0.18
C VAL A 264 2.02 21.24 -1.23
N GLU A 265 3.23 20.96 -0.79
CA GLU A 265 4.30 20.55 -1.70
C GLU A 265 4.27 19.06 -2.02
N PHE A 266 4.69 18.74 -3.23
CA PHE A 266 4.84 17.37 -3.69
C PHE A 266 6.23 17.21 -4.24
N PRO A 267 6.93 16.11 -3.90
CA PRO A 267 8.23 15.87 -4.56
C PRO A 267 8.04 15.28 -5.97
N ALA A 268 9.06 15.44 -6.82
CA ALA A 268 9.05 14.93 -8.20
C ALA A 268 8.51 13.49 -8.34
N MET A 269 8.94 12.60 -7.45
CA MET A 269 8.41 11.24 -7.42
C MET A 269 6.87 11.23 -7.52
N LEU A 270 6.21 11.95 -6.62
CA LEU A 270 4.73 11.99 -6.59
C LEU A 270 4.11 12.73 -7.75
N VAL A 271 4.76 13.82 -8.16
CA VAL A 271 4.32 14.57 -9.33
C VAL A 271 4.22 13.62 -10.53
N GLU A 272 5.26 12.83 -10.75
CA GLU A 272 5.29 11.83 -11.84
C GLU A 272 4.13 10.86 -11.76
N ILE A 273 3.96 10.22 -10.60
CA ILE A 273 2.96 9.19 -10.46
C ILE A 273 1.56 9.76 -10.61
N ILE A 274 1.24 10.80 -9.85
CA ILE A 274 -0.08 11.41 -9.88
C ILE A 274 -0.42 12.04 -11.25
N SER A 275 0.56 12.70 -11.87
CA SER A 275 0.34 13.35 -13.17
C SER A 275 -0.17 12.36 -14.20
N ASP A 276 0.35 11.13 -14.17
CA ASP A 276 -0.10 10.04 -15.04
C ASP A 276 -1.35 9.35 -14.51
N GLN A 277 -1.36 9.04 -13.22
CA GLN A 277 -2.45 8.28 -12.61
C GLN A 277 -3.78 9.04 -12.62
N LEU A 278 -3.74 10.32 -12.23
CA LEU A 278 -4.96 11.13 -12.12
C LEU A 278 -5.86 11.09 -13.37
N PRO A 279 -5.34 11.48 -14.55
CA PRO A 279 -6.25 11.49 -15.70
C PRO A 279 -6.69 10.07 -16.14
N LYS A 280 -5.86 9.06 -15.89
CA LYS A 280 -6.26 7.65 -16.08
C LYS A 280 -7.42 7.23 -15.17
N VAL A 281 -7.30 7.49 -13.88
CA VAL A 281 -8.33 7.10 -12.92
C VAL A 281 -9.64 7.85 -13.19
N GLU A 282 -9.52 9.13 -13.57
CA GLU A 282 -10.69 9.97 -13.81
C GLU A 282 -11.34 9.80 -15.17
N SER A 283 -10.68 9.07 -16.07
CA SER A 283 -11.28 8.72 -17.35
C SER A 283 -12.01 7.37 -17.28
N GLY A 284 -12.05 6.78 -16.09
CA GLY A 284 -12.66 5.46 -15.89
C GLY A 284 -11.82 4.29 -16.39
N ASN A 285 -10.52 4.50 -16.57
CA ASN A 285 -9.60 3.46 -17.04
C ASN A 285 -9.14 2.43 -15.98
N ALA A 286 -9.37 2.73 -14.70
CA ALA A 286 -9.02 1.82 -13.61
C ALA A 286 -10.15 0.86 -13.29
N LYS A 287 -9.83 -0.41 -13.08
CA LYS A 287 -10.80 -1.40 -12.61
C LYS A 287 -10.31 -2.07 -11.32
N PRO A 288 -10.98 -1.81 -10.18
CA PRO A 288 -10.64 -2.50 -8.94
C PRO A 288 -11.05 -3.98 -9.00
N LEU A 289 -10.19 -4.86 -8.50
CA LEU A 289 -10.52 -6.27 -8.40
C LEU A 289 -10.97 -6.56 -6.97
N TYR A 290 -12.13 -7.21 -6.84
CA TYR A 290 -12.70 -7.52 -5.53
C TYR A 290 -12.74 -9.04 -5.35
N PHE A 291 -12.58 -9.49 -4.10
CA PHE A 291 -12.81 -10.91 -3.78
C PHE A 291 -14.29 -11.19 -3.65
N HIS A 292 -15.04 -10.21 -3.13
CA HIS A 292 -16.48 -10.30 -2.96
C HIS A 292 -17.20 -9.21 -3.76
C8 SNL B . -3.76 11.96 1.18
C4 SNL B . -0.02 12.01 1.67
C5 SNL B . -1.35 11.62 1.03
C2 SNL B . 1.19 8.46 2.65
C6 SNL B . -1.97 10.59 1.96
C1 SNL B . 2.45 8.92 3.35
C3 SNL B . 0.88 10.81 1.78
C7 SNL B . -3.42 10.53 1.57
C9 SNL B . -2.43 12.70 1.02
C10 SNL B . -1.13 11.12 -0.40
C11 SNL B . 1.53 7.90 1.28
C12 SNL B . 3.36 7.75 3.68
C13 SNL B . -2.19 13.75 2.07
C14 SNL B . -1.61 14.92 1.34
C15 SNL B . -1.90 14.60 -0.09
C16 SNL B . -3.26 7.78 5.36
C17 SNL B . -3.85 8.26 6.64
C18 SNL B . 2.61 6.76 4.51
C19 SNL B . 1.18 6.51 4.24
C20 SNL B . 0.54 7.32 3.39
C21 SNL B . -0.90 7.03 3.11
C22 SNL B . -1.79 8.25 2.98
C23 SNL B . -1.16 9.31 2.08
C24 SNL B . 0.24 9.66 2.58
O57 SNL B . -1.64 15.31 -1.03
O58 SNL B . -2.50 13.38 -0.21
O59 SNL B . -3.57 6.70 4.88
O60 SNL B . 3.19 6.10 5.37
S61 SNL B . -2.07 8.89 4.64
#